data_7KG8
#
_entry.id   7KG8
#
_cell.length_a   66.408
_cell.length_b   89.201
_cell.length_c   93.877
_cell.angle_alpha   90.000
_cell.angle_beta   90.000
_cell.angle_gamma   90.000
#
_symmetry.space_group_name_H-M   'P 21 21 21'
#
loop_
_entity.id
_entity.type
_entity.pdbx_description
1 polymer 'Poly(ADP-ribose) glycohydrolase'
2 non-polymer 1,3-dimethyl-8-{[2-(morpholin-4-yl)-2-oxoethyl]sulfanyl}-6-sulfanylidene-1,3,6,7-tetrahydro-2H-purin-2-one
3 non-polymer 'DIMETHYL SULFOXIDE'
4 non-polymer 'SULFATE ION'
5 non-polymer 'CACODYLATE ION'
6 water water
#
_entity_poly.entity_id   1
_entity_poly.type   'polypeptide(L)'
_entity_poly.pdbx_seq_one_letter_code
;GSSPDKKWLGTPIEEMRRMPRCGIRLPLLRPSANHTVTIRVDLLRAGEVPKPFPTHYKDLWDNKHVKMPCSEQNLYPVED
ENGERTAGSRWELIQTALLNKFTRPQNLKDAILKYNVAYSKKWDFTALIDFWDKVLEEAEAQHLYQSILPDMVKIAL
(CME)LPNICTQPIPLLAAAMNHSITMSQEQIASLLANAFFCTFPRRNAKMKSEYSSYPDINFNRLFEGRSSRKPEKLKT
LFCYFRRVTAAAPTGLVTFTRQSLEDFPEWER(CME)EKPLTRLHVTYEGTIEENGQGMLQVDFANRFVGGGVTSAGLVQ
EEIRFLINPELIISRLFTEVLDHNECLIITGTEQYSEYTGYAETYRWSRSHEDGSERDDWQRRCTEIVAIDALHFRRYLD
QFVPEKMRRELNKAYCGFLRPGVSSENLSAVATGNWGCGAFGGDARLKALIQILAAAAAERDVVYFTFGDSELMRDIYSM
HIFLTERKLTVGDVYKLLLRYYNEECRNCSTPGPDIKLYPFIYHAVESCAETADHSGQRTGT
;
_entity_poly.pdbx_strand_id   A
#
# COMPACT_ATOMS: atom_id res chain seq x y z
N LYS A 6 -23.25 17.57 -13.34
CA LYS A 6 -23.11 17.23 -11.92
C LYS A 6 -21.68 16.82 -11.64
N LYS A 7 -21.25 16.92 -10.37
CA LYS A 7 -19.91 16.50 -10.00
C LYS A 7 -19.85 15.01 -9.68
N TRP A 8 -20.99 14.37 -9.46
CA TRP A 8 -21.06 12.95 -9.16
C TRP A 8 -22.36 12.41 -9.73
N LEU A 9 -22.35 11.13 -10.05
CA LEU A 9 -23.50 10.45 -10.62
C LEU A 9 -23.71 9.12 -9.91
N GLY A 10 -24.96 8.66 -9.97
CA GLY A 10 -25.30 7.35 -9.46
C GLY A 10 -25.90 7.38 -8.06
N THR A 11 -25.62 6.33 -7.31
CA THR A 11 -26.09 6.26 -5.93
C THR A 11 -25.38 7.32 -5.09
N PRO A 12 -26.10 8.07 -4.26
CA PRO A 12 -25.42 9.00 -3.35
C PRO A 12 -24.42 8.29 -2.46
N ILE A 13 -23.28 8.94 -2.24
CA ILE A 13 -22.23 8.29 -1.47
C ILE A 13 -22.69 8.08 -0.03
N GLU A 14 -23.62 8.90 0.46
CA GLU A 14 -24.13 8.75 1.81
C GLU A 14 -24.87 7.43 2.00
N GLU A 15 -25.30 6.80 0.90
CA GLU A 15 -26.01 5.53 0.98
C GLU A 15 -25.08 4.33 0.95
N MET A 16 -23.77 4.54 0.77
CA MET A 16 -22.82 3.45 0.70
C MET A 16 -22.36 3.04 2.09
N ARG A 17 -22.06 1.76 2.24
CA ARG A 17 -21.60 1.26 3.53
C ARG A 17 -20.16 1.66 3.80
N ARG A 18 -19.88 1.98 5.06
CA ARG A 18 -18.58 2.37 5.53
C ARG A 18 -18.36 1.77 6.92
N MET A 19 -17.10 1.47 7.22
CA MET A 19 -16.71 1.14 8.58
C MET A 19 -16.52 2.42 9.38
N PRO A 20 -16.75 2.38 10.70
CA PRO A 20 -17.08 1.18 11.46
C PRO A 20 -18.57 0.79 11.49
N ARG A 21 -19.44 1.66 10.98
CA ARG A 21 -20.87 1.46 11.17
C ARG A 21 -21.34 0.12 10.61
N CYS A 22 -20.80 -0.30 9.47
CA CYS A 22 -21.29 -1.50 8.80
C CYS A 22 -20.67 -2.79 9.34
N GLY A 23 -19.64 -2.70 10.16
CA GLY A 23 -18.90 -3.88 10.55
C GLY A 23 -19.58 -4.70 11.62
N ILE A 24 -19.19 -5.96 11.71
CA ILE A 24 -19.60 -6.81 12.81
C ILE A 24 -18.61 -6.64 13.95
N ARG A 25 -19.06 -6.93 15.17
CA ARG A 25 -18.16 -6.89 16.31
C ARG A 25 -16.99 -7.84 16.05
N LEU A 26 -15.78 -7.35 16.29
CA LEU A 26 -14.61 -8.16 16.01
C LEU A 26 -14.49 -9.29 17.03
N PRO A 27 -14.03 -10.46 16.61
CA PRO A 27 -13.66 -11.50 17.59
C PRO A 27 -12.54 -11.00 18.49
N LEU A 28 -12.36 -11.71 19.60
CA LEU A 28 -11.24 -11.41 20.48
C LEU A 28 -9.92 -11.55 19.71
N LEU A 29 -9.06 -10.54 19.82
CA LEU A 29 -7.76 -10.59 19.20
C LEU A 29 -6.92 -11.65 19.90
N ARG A 30 -6.44 -12.64 19.14
CA ARG A 30 -5.70 -13.73 19.74
C ARG A 30 -4.70 -14.24 18.70
N PRO A 31 -3.49 -14.60 19.11
CA PRO A 31 -2.58 -15.25 18.18
C PRO A 31 -3.04 -16.66 17.84
N SER A 32 -2.65 -17.13 16.66
CA SER A 32 -2.99 -18.47 16.21
C SER A 32 -2.05 -18.84 15.07
N ALA A 33 -2.28 -20.01 14.48
CA ALA A 33 -1.41 -20.49 13.42
C ALA A 33 -1.35 -19.49 12.26
N ASN A 34 -2.47 -18.83 11.96
CA ASN A 34 -2.51 -17.90 10.84
C ASN A 34 -2.49 -16.43 11.26
N HIS A 35 -2.20 -16.13 12.53
CA HIS A 35 -2.23 -14.75 13.00
C HIS A 35 -1.15 -14.54 14.05
N THR A 36 -0.10 -13.82 13.66
CA THR A 36 0.95 -13.38 14.56
C THR A 36 0.53 -12.08 15.22
N VAL A 37 0.58 -12.03 16.54
CA VAL A 37 0.20 -10.84 17.30
C VAL A 37 1.37 -10.53 18.22
N THR A 38 1.93 -9.33 18.09
CA THR A 38 3.21 -9.01 18.72
C THR A 38 3.07 -8.18 19.98
N ILE A 39 1.86 -8.04 20.52
CA ILE A 39 1.62 -7.26 21.70
C ILE A 39 0.78 -8.06 22.68
N ARG A 40 0.71 -7.58 23.91
CA ARG A 40 -0.08 -8.22 24.97
C ARG A 40 -1.55 -7.87 24.80
N VAL A 41 -2.33 -8.82 24.30
CA VAL A 41 -3.73 -8.55 24.05
C VAL A 41 -4.47 -8.27 25.35
N ASP A 42 -4.08 -8.97 26.43
CA ASP A 42 -4.75 -8.83 27.71
C ASP A 42 -4.57 -7.43 28.31
N LEU A 43 -3.56 -6.69 27.84
CA LEU A 43 -3.28 -5.35 28.33
C LEU A 43 -3.62 -4.26 27.32
N LEU A 44 -4.24 -4.62 26.20
CA LEU A 44 -4.53 -3.64 25.16
C LEU A 44 -5.66 -2.74 25.63
N ARG A 45 -5.38 -1.44 25.74
CA ARG A 45 -6.34 -0.48 26.27
C ARG A 45 -6.27 0.79 25.46
N ALA A 46 -7.44 1.35 25.16
CA ALA A 46 -7.50 2.60 24.44
C ALA A 46 -6.65 3.67 25.10
N GLY A 47 -5.82 4.34 24.30
CA GLY A 47 -5.01 5.44 24.74
C GLY A 47 -3.73 5.05 25.43
N GLU A 48 -3.43 3.76 25.57
CA GLU A 48 -2.24 3.29 26.23
C GLU A 48 -1.32 2.67 25.18
N VAL A 49 -0.04 2.91 25.32
CA VAL A 49 0.93 2.26 24.43
C VAL A 49 0.89 0.75 24.65
N PRO A 50 0.69 -0.05 23.61
CA PRO A 50 0.71 -1.51 23.80
C PRO A 50 2.04 -2.02 24.34
N LYS A 51 1.95 -3.07 25.14
CA LYS A 51 3.12 -3.73 25.71
C LYS A 51 3.55 -4.87 24.79
N PRO A 52 4.83 -4.93 24.39
CA PRO A 52 5.25 -6.04 23.53
C PRO A 52 5.10 -7.38 24.22
N PHE A 53 4.79 -8.40 23.42
CA PHE A 53 4.87 -9.77 23.85
C PHE A 53 5.78 -10.51 22.88
N PRO A 54 6.78 -11.27 23.37
CA PRO A 54 7.10 -11.51 24.78
C PRO A 54 7.80 -10.34 25.45
N THR A 55 8.08 -10.47 26.75
CA THR A 55 8.71 -9.37 27.47
C THR A 55 10.19 -9.24 27.10
N HIS A 56 10.87 -10.36 26.90
CA HIS A 56 12.28 -10.35 26.52
C HIS A 56 12.42 -10.74 25.05
N TYR A 57 13.36 -10.08 24.36
CA TYR A 57 13.64 -10.35 22.96
C TYR A 57 13.89 -11.83 22.70
N LYS A 58 13.20 -12.35 21.68
CA LYS A 58 13.43 -13.68 21.15
C LYS A 58 13.80 -13.53 19.68
N ASP A 59 14.82 -14.26 19.24
CA ASP A 59 15.37 -14.11 17.91
C ASP A 59 15.14 -15.35 17.08
N LEU A 60 14.76 -15.17 15.82
CA LEU A 60 14.82 -16.22 14.82
C LEU A 60 15.56 -15.64 13.62
N TRP A 61 16.58 -16.36 13.17
CA TRP A 61 17.44 -15.94 12.06
C TRP A 61 17.37 -17.10 11.07
N ASP A 62 16.37 -17.07 10.19
CA ASP A 62 16.10 -18.16 9.27
C ASP A 62 15.35 -17.65 8.06
N ASN A 63 15.00 -18.57 7.16
CA ASN A 63 14.40 -18.24 5.89
C ASN A 63 12.90 -17.96 5.97
N LYS A 64 12.30 -18.02 7.16
CA LYS A 64 10.87 -17.78 7.32
C LYS A 64 10.55 -16.53 8.13
N HIS A 65 11.56 -15.79 8.58
CA HIS A 65 11.32 -14.63 9.42
C HIS A 65 12.21 -13.47 9.00
N VAL A 66 11.79 -12.26 9.38
CA VAL A 66 12.66 -11.10 9.19
C VAL A 66 13.97 -11.33 9.91
N LYS A 67 15.07 -11.03 9.23
CA LYS A 67 16.40 -11.03 9.86
C LYS A 67 16.61 -9.68 10.53
N MET A 68 16.53 -9.66 11.85
CA MET A 68 16.52 -8.40 12.58
C MET A 68 17.94 -7.86 12.72
N PRO A 69 18.11 -6.54 12.64
CA PRO A 69 19.46 -5.99 12.78
C PRO A 69 20.08 -6.25 14.13
N CYS A 70 19.26 -6.44 15.16
CA CYS A 70 19.74 -6.66 16.52
C CYS A 70 20.00 -8.13 16.82
N SER A 71 19.83 -9.03 15.85
CA SER A 71 20.13 -10.44 16.06
C SER A 71 21.60 -10.64 16.41
N GLU A 72 21.86 -11.54 17.37
CA GLU A 72 23.24 -11.93 17.63
C GLU A 72 23.88 -12.61 16.42
N GLN A 73 23.07 -13.05 15.46
CA GLN A 73 23.59 -13.69 14.24
C GLN A 73 23.87 -12.67 13.14
N ASN A 74 23.65 -11.39 13.39
CA ASN A 74 23.97 -10.33 12.44
C ASN A 74 25.42 -9.93 12.71
N LEU A 75 26.34 -10.55 11.98
CA LEU A 75 27.76 -10.45 12.24
C LEU A 75 28.48 -9.82 11.06
N TYR A 76 29.71 -9.37 11.31
CA TYR A 76 30.59 -8.90 10.24
C TYR A 76 32.03 -9.31 10.52
N ALA A 87 34.76 -12.61 13.88
CA ALA A 87 33.59 -11.85 13.46
C ALA A 87 33.16 -10.87 14.55
N GLY A 88 32.60 -9.74 14.14
CA GLY A 88 32.08 -8.74 15.06
C GLY A 88 30.57 -8.66 14.98
N SER A 89 29.99 -8.01 15.97
CA SER A 89 28.55 -7.83 16.05
C SER A 89 28.15 -6.57 15.29
N ARG A 90 27.35 -6.74 14.24
CA ARG A 90 26.89 -5.59 13.47
C ARG A 90 25.98 -4.68 14.29
N TRP A 91 25.19 -5.24 15.21
CA TRP A 91 24.35 -4.40 16.05
C TRP A 91 25.19 -3.50 16.95
N GLU A 92 26.28 -4.02 17.51
CA GLU A 92 27.19 -3.17 18.30
C GLU A 92 27.78 -2.06 17.44
N LEU A 93 28.12 -2.39 16.18
CA LEU A 93 28.67 -1.40 15.26
C LEU A 93 27.63 -0.35 14.89
N ILE A 94 26.38 -0.77 14.67
CA ILE A 94 25.29 0.17 14.44
C ILE A 94 25.15 1.14 15.62
N GLN A 95 25.14 0.60 16.84
CA GLN A 95 25.03 1.43 18.04
C GLN A 95 26.16 2.45 18.09
N THR A 96 27.40 1.99 17.90
CA THR A 96 28.54 2.91 17.97
C THR A 96 28.46 3.97 16.90
N ALA A 97 28.05 3.58 15.70
CA ALA A 97 27.98 4.53 14.59
C ALA A 97 26.92 5.59 14.82
N LEU A 98 25.73 5.18 15.27
CA LEU A 98 24.61 6.11 15.31
C LEU A 98 24.58 6.97 16.58
N LEU A 99 25.33 6.59 17.62
CA LEU A 99 25.38 7.36 18.86
C LEU A 99 26.52 8.36 18.83
N ASN A 100 26.51 9.16 17.78
CA ASN A 100 27.44 10.26 17.59
C ASN A 100 26.63 11.49 17.26
N LYS A 101 27.15 12.65 17.66
CA LYS A 101 26.51 13.91 17.32
C LYS A 101 26.53 14.09 15.82
N PHE A 102 25.40 14.51 15.26
CA PHE A 102 25.32 14.91 13.86
C PHE A 102 25.21 16.43 13.85
N THR A 103 26.07 17.09 13.11
CA THR A 103 25.91 18.52 12.86
C THR A 103 25.93 18.86 11.38
N ARG A 104 26.38 17.95 10.52
CA ARG A 104 26.46 18.15 9.08
C ARG A 104 26.03 16.86 8.40
N PRO A 105 25.44 16.95 7.20
CA PRO A 105 24.94 15.72 6.56
C PRO A 105 26.01 14.67 6.32
N GLN A 106 27.25 15.08 6.07
CA GLN A 106 28.31 14.08 5.92
C GLN A 106 28.41 13.19 7.16
N ASN A 107 28.11 13.73 8.34
CA ASN A 107 28.19 12.93 9.55
C ASN A 107 27.19 11.77 9.49
N LEU A 108 26.01 12.03 8.95
CA LEU A 108 24.99 10.99 8.87
C LEU A 108 25.34 9.97 7.79
N LYS A 109 25.82 10.46 6.64
CA LYS A 109 26.30 9.55 5.61
C LYS A 109 27.40 8.63 6.17
N ASP A 110 28.39 9.23 6.84
CA ASP A 110 29.49 8.43 7.36
C ASP A 110 29.00 7.39 8.36
N ALA A 111 28.02 7.77 9.19
CA ALA A 111 27.50 6.84 10.18
C ALA A 111 26.85 5.64 9.52
N ILE A 112 25.94 5.89 8.57
CA ILE A 112 25.25 4.80 7.89
C ILE A 112 26.24 3.89 7.18
N LEU A 113 27.29 4.47 6.58
CA LEU A 113 28.23 3.63 5.85
C LEU A 113 29.15 2.83 6.76
N LYS A 114 29.25 3.17 8.05
CA LYS A 114 30.14 2.42 8.93
C LYS A 114 29.71 0.95 9.04
N TYR A 115 28.41 0.67 8.97
CA TYR A 115 27.91 -0.70 8.96
C TYR A 115 27.36 -1.09 7.59
N ASN A 116 27.78 -0.38 6.55
CA ASN A 116 27.43 -0.69 5.17
C ASN A 116 28.64 -0.45 4.27
N VAL A 117 29.82 -0.87 4.74
CA VAL A 117 31.06 -0.56 4.04
C VAL A 117 31.06 -1.05 2.61
N ALA A 118 30.41 -2.18 2.34
CA ALA A 118 30.40 -2.73 0.99
C ALA A 118 29.69 -1.82 0.00
N TYR A 119 28.89 -0.87 0.48
CA TYR A 119 28.08 0.00 -0.36
C TYR A 119 28.61 1.43 -0.37
N SER A 120 29.82 1.67 0.16
CA SER A 120 30.29 3.04 0.29
C SER A 120 30.51 3.71 -1.06
N LYS A 121 30.77 2.93 -2.11
CA LYS A 121 30.94 3.47 -3.45
C LYS A 121 29.70 3.32 -4.31
N LYS A 122 28.71 2.55 -3.87
CA LYS A 122 27.48 2.31 -4.63
C LYS A 122 26.34 3.24 -4.22
N TRP A 123 26.29 3.64 -2.95
CA TRP A 123 25.18 4.42 -2.42
C TRP A 123 25.50 5.90 -2.45
N ASP A 124 24.70 6.65 -3.20
CA ASP A 124 24.78 8.11 -3.29
C ASP A 124 23.87 8.74 -2.24
N PHE A 125 24.38 9.79 -1.59
CA PHE A 125 23.63 10.52 -0.56
C PHE A 125 23.33 11.95 -0.98
N THR A 126 23.40 12.24 -2.28
CA THR A 126 23.26 13.61 -2.74
C THR A 126 21.94 14.24 -2.32
N ALA A 127 20.83 13.48 -2.40
CA ALA A 127 19.53 14.05 -2.04
C ALA A 127 19.44 14.36 -0.56
N LEU A 128 20.07 13.55 0.29
CA LEU A 128 20.05 13.82 1.72
C LEU A 128 20.89 15.03 2.05
N ILE A 129 22.09 15.11 1.46
CA ILE A 129 22.94 16.29 1.63
C ILE A 129 22.23 17.54 1.14
N ASP A 130 21.62 17.46 -0.05
CA ASP A 130 20.94 18.63 -0.60
C ASP A 130 19.73 19.02 0.22
N PHE A 131 18.98 18.04 0.74
CA PHE A 131 17.84 18.37 1.60
C PHE A 131 18.32 19.18 2.79
N TRP A 132 19.35 18.69 3.47
CA TRP A 132 19.81 19.30 4.71
C TRP A 132 20.49 20.63 4.46
N ASP A 133 21.35 20.71 3.44
CA ASP A 133 22.14 21.91 3.25
C ASP A 133 21.50 22.94 2.33
N LYS A 134 20.69 22.49 1.36
CA LYS A 134 20.25 23.36 0.28
C LYS A 134 18.75 23.59 0.23
N VAL A 135 17.95 22.77 0.92
CA VAL A 135 16.50 22.97 0.98
C VAL A 135 16.08 23.57 2.30
N LEU A 136 16.49 22.95 3.41
CA LEU A 136 16.07 23.42 4.71
C LEU A 136 16.71 24.77 5.05
N GLU A 137 15.92 25.63 5.69
CA GLU A 137 16.47 26.81 6.35
C GLU A 137 17.30 26.39 7.56
N GLU A 138 18.09 27.33 8.08
CA GLU A 138 19.02 27.03 9.16
C GLU A 138 18.31 26.47 10.38
N ALA A 139 17.20 27.09 10.79
CA ALA A 139 16.50 26.63 11.98
C ALA A 139 15.90 25.24 11.76
N GLU A 140 15.42 24.98 10.54
CA GLU A 140 14.87 23.67 10.23
C GLU A 140 15.96 22.60 10.24
N ALA A 141 17.12 22.92 9.66
CA ALA A 141 18.23 21.97 9.73
C ALA A 141 18.65 21.72 11.16
N GLN A 142 18.73 22.78 11.97
CA GLN A 142 19.10 22.63 13.37
C GLN A 142 18.12 21.72 14.10
N HIS A 143 16.83 21.90 13.87
CA HIS A 143 15.85 21.00 14.47
C HIS A 143 16.05 19.57 13.99
N LEU A 144 16.41 19.40 12.73
CA LEU A 144 16.63 18.06 12.20
C LEU A 144 17.76 17.35 12.93
N TYR A 145 18.92 18.00 13.08
CA TYR A 145 20.05 17.28 13.65
C TYR A 145 20.12 17.35 15.17
N GLN A 146 19.50 18.33 15.81
CA GLN A 146 19.53 18.42 17.26
C GLN A 146 18.41 17.63 17.92
N SER A 147 17.33 17.38 17.20
CA SER A 147 16.15 16.76 17.80
C SER A 147 15.62 15.56 17.02
N ILE A 148 15.25 15.76 15.75
CA ILE A 148 14.57 14.69 15.02
C ILE A 148 15.49 13.49 14.82
N LEU A 149 16.68 13.72 14.24
CA LEU A 149 17.58 12.58 14.00
C LEU A 149 17.98 11.87 15.28
N PRO A 150 18.40 12.55 16.35
CA PRO A 150 18.72 11.82 17.58
C PRO A 150 17.55 11.01 18.13
N ASP A 151 16.32 11.54 18.03
CA ASP A 151 15.16 10.80 18.50
C ASP A 151 14.90 9.59 17.62
N MET A 152 15.13 9.71 16.31
CA MET A 152 15.01 8.56 15.42
C MET A 152 16.05 7.51 15.75
N VAL A 153 17.28 7.92 16.05
CA VAL A 153 18.30 6.97 16.45
C VAL A 153 17.85 6.22 17.70
N LYS A 154 17.34 6.94 18.69
CA LYS A 154 16.97 6.30 19.95
C LYS A 154 15.86 5.28 19.74
N ILE A 155 14.84 5.60 18.95
CA ILE A 155 13.78 4.60 18.74
C ILE A 155 14.30 3.43 17.91
N ALA A 156 15.19 3.69 16.95
CA ALA A 156 15.79 2.58 16.20
C ALA A 156 16.58 1.66 17.12
N LEU A 157 17.37 2.23 18.02
CA LEU A 157 18.25 1.39 18.85
C LEU A 157 17.47 0.67 19.96
N LEU A 159 14.99 -1.14 19.31
CA LEU A 159 14.32 -2.25 18.65
C LEU A 159 14.16 -3.56 19.44
N PRO A 160 15.24 -4.08 20.03
CA PRO A 160 15.12 -5.37 20.73
C PRO A 160 14.18 -5.33 21.92
N ASN A 161 13.91 -4.15 22.49
CA ASN A 161 12.97 -4.03 23.58
C ASN A 161 11.55 -3.76 23.10
N ILE A 162 11.40 -3.38 21.84
CA ILE A 162 10.12 -3.01 21.25
C ILE A 162 9.57 -4.16 20.40
N CYS A 163 10.40 -4.70 19.51
CA CYS A 163 10.01 -5.79 18.62
C CYS A 163 10.63 -7.09 19.14
N THR A 164 10.03 -7.60 20.20
CA THR A 164 10.59 -8.74 20.90
C THR A 164 10.23 -10.07 20.28
N GLN A 165 9.24 -10.09 19.39
CA GLN A 165 8.77 -11.34 18.82
C GLN A 165 9.20 -11.45 17.37
N PRO A 166 9.71 -12.59 16.95
CA PRO A 166 10.07 -12.76 15.54
C PRO A 166 8.90 -12.43 14.63
N ILE A 167 9.21 -11.77 13.52
CA ILE A 167 8.21 -11.34 12.55
C ILE A 167 8.26 -12.32 11.37
N PRO A 168 7.21 -13.09 11.12
CA PRO A 168 7.25 -14.03 10.00
C PRO A 168 7.16 -13.28 8.69
N LEU A 169 7.85 -13.82 7.68
CA LEU A 169 7.64 -13.31 6.34
C LEU A 169 6.27 -13.74 5.83
N LEU A 170 5.56 -12.81 5.19
CA LEU A 170 4.33 -13.11 4.47
C LEU A 170 4.76 -13.56 3.07
N ALA A 171 5.04 -14.84 2.95
CA ALA A 171 5.62 -15.40 1.74
C ALA A 171 4.52 -15.82 0.77
N ALA A 172 4.92 -16.05 -0.47
CA ALA A 172 3.98 -16.42 -1.51
C ALA A 172 3.14 -17.62 -1.08
N ALA A 173 1.86 -17.55 -1.38
CA ALA A 173 0.86 -18.57 -1.09
C ALA A 173 0.47 -18.66 0.39
N MET A 174 1.06 -17.86 1.27
CA MET A 174 0.62 -17.86 2.65
C MET A 174 -0.65 -17.04 2.81
N ASN A 175 -1.61 -17.59 3.55
CA ASN A 175 -2.74 -16.84 4.06
C ASN A 175 -2.44 -16.59 5.54
N HIS A 176 -1.95 -15.40 5.84
CA HIS A 176 -1.43 -15.15 7.17
C HIS A 176 -1.53 -13.66 7.48
N SER A 177 -1.69 -13.35 8.76
CA SER A 177 -1.82 -11.98 9.23
C SER A 177 -0.80 -11.70 10.31
N ILE A 178 -0.33 -10.46 10.34
CA ILE A 178 0.53 -9.94 11.40
C ILE A 178 -0.14 -8.70 11.97
N THR A 179 -0.36 -8.69 13.28
CA THR A 179 -0.89 -7.51 13.96
C THR A 179 0.17 -7.03 14.95
N MET A 180 0.61 -5.78 14.78
CA MET A 180 1.68 -5.19 15.55
C MET A 180 1.28 -3.78 15.93
N SER A 181 2.01 -3.18 16.85
CA SER A 181 1.65 -1.84 17.28
C SER A 181 2.28 -0.79 16.35
N GLN A 182 1.63 0.36 16.29
CA GLN A 182 2.21 1.49 15.57
C GLN A 182 3.58 1.87 16.13
N GLU A 183 3.79 1.72 17.43
CA GLU A 183 5.10 2.01 18.00
C GLU A 183 6.16 1.03 17.49
N GLN A 184 5.81 -0.26 17.41
CA GLN A 184 6.73 -1.24 16.83
C GLN A 184 7.07 -0.88 15.39
N ILE A 185 6.07 -0.46 14.61
CA ILE A 185 6.33 -0.06 13.23
C ILE A 185 7.28 1.12 13.18
N ALA A 186 7.11 2.07 14.10
CA ALA A 186 7.98 3.26 14.09
C ALA A 186 9.43 2.88 14.34
N SER A 187 9.68 1.96 15.27
CA SER A 187 11.06 1.52 15.52
C SER A 187 11.64 0.81 14.29
N LEU A 188 10.85 -0.05 13.65
CA LEU A 188 11.30 -0.72 12.44
C LEU A 188 11.58 0.26 11.32
N LEU A 189 10.71 1.26 11.13
CA LEU A 189 10.92 2.22 10.05
C LEU A 189 12.11 3.13 10.33
N ALA A 190 12.39 3.45 11.60
CA ALA A 190 13.60 4.20 11.90
C ALA A 190 14.83 3.38 11.52
N ASN A 191 14.80 2.07 11.78
CA ASN A 191 15.88 1.20 11.32
C ASN A 191 15.99 1.21 9.81
N ALA A 192 14.87 1.19 9.10
CA ALA A 192 14.92 1.26 7.64
C ALA A 192 15.56 2.56 7.18
N PHE A 193 15.20 3.67 7.81
CA PHE A 193 15.80 4.95 7.46
C PHE A 193 17.32 4.89 7.60
N PHE A 194 17.82 4.33 8.71
CA PHE A 194 19.27 4.20 8.93
C PHE A 194 19.88 3.02 8.19
N CYS A 195 19.09 2.31 7.38
CA CYS A 195 19.61 1.27 6.50
C CYS A 195 20.26 0.13 7.30
N THR A 196 19.60 -0.32 8.35
CA THR A 196 20.20 -1.33 9.20
C THR A 196 19.74 -2.75 8.91
N PHE A 197 18.76 -2.96 8.04
CA PHE A 197 18.25 -4.33 7.85
C PHE A 197 19.24 -5.15 7.04
N PRO A 198 19.75 -6.25 7.59
CA PRO A 198 20.76 -7.04 6.87
C PRO A 198 20.16 -7.93 5.79
N ARG A 199 20.98 -8.21 4.78
CA ARG A 199 20.63 -9.10 3.68
C ARG A 199 19.59 -8.50 2.74
N ARG A 200 19.38 -7.18 2.80
CA ARG A 200 18.34 -6.53 2.01
C ARG A 200 18.90 -5.53 1.01
N ASN A 201 20.20 -5.56 0.72
CA ASN A 201 20.86 -4.50 -0.02
C ASN A 201 21.43 -4.90 -1.37
N ALA A 202 21.94 -6.12 -1.52
CA ALA A 202 22.72 -6.41 -2.71
C ALA A 202 21.86 -6.45 -3.97
N LYS A 203 22.38 -5.88 -5.05
CA LYS A 203 21.66 -5.90 -6.32
C LYS A 203 21.48 -7.32 -6.83
N MET A 204 22.49 -8.18 -6.64
CA MET A 204 22.44 -9.55 -7.11
C MET A 204 22.17 -10.55 -5.97
N LYS A 205 21.37 -10.16 -4.99
CA LYS A 205 21.07 -11.08 -3.91
C LYS A 205 20.10 -12.17 -4.39
N SER A 206 20.28 -13.37 -3.85
CA SER A 206 19.31 -14.45 -4.02
C SER A 206 18.26 -14.40 -2.92
N GLU A 207 18.69 -14.53 -1.67
CA GLU A 207 17.78 -14.32 -0.55
C GLU A 207 17.17 -12.93 -0.67
N TYR A 208 15.86 -12.85 -0.51
CA TYR A 208 15.09 -11.60 -0.54
C TYR A 208 15.02 -10.95 -1.92
N SER A 209 15.45 -11.64 -2.98
CA SER A 209 15.31 -11.08 -4.32
C SER A 209 13.85 -10.90 -4.71
N SER A 210 12.95 -11.69 -4.13
CA SER A 210 11.52 -11.58 -4.38
C SER A 210 10.82 -10.67 -3.39
N TYR A 211 11.57 -9.89 -2.63
CA TYR A 211 10.99 -8.97 -1.66
C TYR A 211 11.32 -7.53 -2.06
N PRO A 212 10.47 -6.57 -1.69
CA PRO A 212 10.79 -5.17 -2.01
C PRO A 212 11.99 -4.68 -1.22
N ASP A 213 12.56 -3.57 -1.70
CA ASP A 213 13.56 -2.88 -0.90
C ASP A 213 12.90 -2.40 0.39
N ILE A 214 13.66 -2.41 1.48
CA ILE A 214 13.18 -1.86 2.74
C ILE A 214 14.09 -0.75 3.25
N ASN A 215 15.40 -0.91 3.18
CA ASN A 215 16.30 0.16 3.61
C ASN A 215 16.10 1.36 2.69
N PHE A 216 16.26 2.55 3.27
CA PHE A 216 15.89 3.80 2.60
C PHE A 216 17.01 4.43 1.78
N ASN A 217 18.10 3.71 1.48
CA ASN A 217 19.26 4.38 0.87
C ASN A 217 18.91 5.07 -0.46
N ARG A 218 17.99 4.52 -1.25
CA ARG A 218 17.69 5.14 -2.54
C ARG A 218 16.89 6.43 -2.38
N LEU A 219 16.31 6.68 -1.21
CA LEU A 219 15.70 7.98 -0.97
C LEU A 219 16.75 9.07 -0.91
N PHE A 220 18.01 8.71 -0.64
CA PHE A 220 19.08 9.66 -0.47
C PHE A 220 19.83 9.93 -1.76
N GLU A 221 19.50 9.23 -2.85
N GLU A 221 19.51 9.24 -2.85
CA GLU A 221 20.20 9.32 -4.11
CA GLU A 221 20.24 9.32 -4.10
C GLU A 221 19.66 10.43 -4.99
C GLU A 221 19.67 10.41 -5.00
N GLY A 222 20.55 11.08 -5.74
CA GLY A 222 20.14 11.95 -6.84
C GLY A 222 19.68 13.35 -6.49
N ARG A 223 19.21 14.06 -7.52
N ARG A 223 19.21 14.06 -7.52
CA ARG A 223 18.85 15.46 -7.39
CA ARG A 223 18.85 15.46 -7.39
C ARG A 223 17.42 15.76 -7.84
C ARG A 223 17.42 15.76 -7.84
N SER A 224 16.54 14.77 -7.87
CA SER A 224 15.16 15.05 -8.21
C SER A 224 14.58 16.04 -7.20
N SER A 225 13.85 17.03 -7.70
CA SER A 225 13.10 17.90 -6.79
C SER A 225 12.05 17.11 -6.01
N ARG A 226 11.83 15.85 -6.38
CA ARG A 226 10.85 15.04 -5.67
C ARG A 226 11.39 14.55 -4.33
N LYS A 227 12.70 14.35 -4.24
CA LYS A 227 13.26 13.80 -3.00
C LYS A 227 13.03 14.70 -1.79
N PRO A 228 13.22 16.03 -1.87
CA PRO A 228 12.93 16.87 -0.69
C PRO A 228 11.50 16.73 -0.24
N GLU A 229 10.57 16.56 -1.18
CA GLU A 229 9.17 16.42 -0.80
C GLU A 229 8.94 15.08 -0.11
N LYS A 230 9.55 14.01 -0.62
CA LYS A 230 9.43 12.73 0.06
C LYS A 230 10.01 12.80 1.47
N LEU A 231 11.19 13.44 1.61
CA LEU A 231 11.83 13.54 2.91
C LEU A 231 11.03 14.41 3.88
N LYS A 232 10.49 15.53 3.40
CA LYS A 232 9.60 16.32 4.25
C LYS A 232 8.45 15.47 4.77
N THR A 233 7.85 14.68 3.89
CA THR A 233 6.72 13.84 4.27
C THR A 233 7.12 12.81 5.32
N LEU A 234 8.27 12.15 5.12
CA LEU A 234 8.68 11.12 6.06
C LEU A 234 9.16 11.72 7.38
N PHE A 235 9.87 12.85 7.33
CA PHE A 235 10.29 13.47 8.58
C PHE A 235 9.10 14.02 9.38
N CYS A 236 8.02 14.42 8.71
CA CYS A 236 6.81 14.77 9.44
C CYS A 236 6.33 13.60 10.27
N TYR A 237 6.28 12.41 9.66
CA TYR A 237 5.93 11.20 10.40
C TYR A 237 6.91 10.93 11.53
N PHE A 238 8.20 10.94 11.23
CA PHE A 238 9.17 10.59 12.27
C PHE A 238 9.11 11.57 13.44
N ARG A 239 8.96 12.87 13.16
CA ARG A 239 8.85 13.85 14.23
C ARG A 239 7.64 13.57 15.11
N ARG A 240 6.53 13.17 14.50
CA ARG A 240 5.30 12.92 15.24
C ARG A 240 5.44 11.70 16.15
N VAL A 241 5.92 10.58 15.58
CA VAL A 241 5.88 9.33 16.32
C VAL A 241 7.01 9.22 17.35
N THR A 242 8.12 9.95 17.16
CA THR A 242 9.13 10.01 18.21
C THR A 242 8.74 10.97 19.33
N ALA A 243 7.95 12.01 19.02
CA ALA A 243 7.57 12.96 20.07
C ALA A 243 6.48 12.40 20.96
N ALA A 244 5.55 11.64 20.38
CA ALA A 244 4.44 11.08 21.14
C ALA A 244 4.11 9.72 20.53
N ALA A 245 4.36 8.66 21.29
CA ALA A 245 4.18 7.31 20.78
C ALA A 245 2.74 7.10 20.33
N PRO A 246 2.51 6.62 19.12
CA PRO A 246 1.14 6.23 18.73
C PRO A 246 0.72 5.01 19.53
N THR A 247 -0.59 4.90 19.76
CA THR A 247 -1.09 3.90 20.69
C THR A 247 -1.83 2.73 20.05
N GLY A 248 -2.05 2.75 18.74
CA GLY A 248 -2.89 1.77 18.10
C GLY A 248 -2.12 0.59 17.51
N LEU A 249 -2.89 -0.26 16.83
CA LEU A 249 -2.37 -1.44 16.17
C LEU A 249 -2.62 -1.34 14.66
N VAL A 250 -1.85 -2.13 13.90
CA VAL A 250 -2.03 -2.28 12.46
C VAL A 250 -1.96 -3.76 12.13
N THR A 251 -2.84 -4.21 11.23
CA THR A 251 -2.84 -5.60 10.77
C THR A 251 -2.45 -5.64 9.30
N PHE A 252 -1.58 -6.59 8.96
CA PHE A 252 -1.16 -6.86 7.59
C PHE A 252 -1.56 -8.28 7.26
N THR A 253 -2.39 -8.45 6.22
CA THR A 253 -2.91 -9.77 5.88
C THR A 253 -2.58 -10.06 4.42
N ARG A 254 -1.86 -11.15 4.18
CA ARG A 254 -1.69 -11.66 2.82
C ARG A 254 -2.84 -12.63 2.55
N GLN A 255 -3.50 -12.44 1.42
CA GLN A 255 -4.65 -13.26 1.05
C GLN A 255 -4.42 -13.83 -0.34
N SER A 256 -4.62 -15.14 -0.47
CA SER A 256 -4.40 -15.88 -1.70
C SER A 256 -5.63 -16.74 -1.90
N LEU A 257 -6.29 -16.59 -3.04
CA LEU A 257 -7.50 -17.36 -3.32
C LEU A 257 -7.20 -18.48 -4.31
N GLU A 258 -7.85 -19.62 -4.10
CA GLU A 258 -7.76 -20.76 -5.01
C GLU A 258 -8.99 -20.90 -5.89
N ASP A 259 -10.17 -20.67 -5.35
CA ASP A 259 -11.43 -20.85 -6.08
C ASP A 259 -11.81 -19.51 -6.70
N PHE A 260 -11.58 -19.39 -8.01
CA PHE A 260 -11.99 -18.17 -8.70
C PHE A 260 -13.25 -18.42 -9.52
N PRO A 261 -14.08 -17.41 -9.70
CA PRO A 261 -15.36 -17.62 -10.40
C PRO A 261 -15.15 -18.12 -11.82
N GLU A 262 -16.12 -18.90 -12.28
CA GLU A 262 -16.31 -19.12 -13.72
C GLU A 262 -17.08 -17.89 -14.20
N TRP A 263 -16.35 -16.88 -14.65
CA TRP A 263 -16.96 -15.57 -14.85
C TRP A 263 -18.09 -15.61 -15.86
N GLU A 264 -17.95 -16.41 -16.92
CA GLU A 264 -18.98 -16.47 -17.95
C GLU A 264 -20.29 -17.05 -17.43
N ARG A 265 -20.26 -17.74 -16.29
CA ARG A 265 -21.45 -18.40 -15.78
C ARG A 265 -22.03 -17.72 -14.56
N GLU A 267 -24.13 -15.56 -12.32
CA GLU A 267 -25.48 -15.02 -12.47
C GLU A 267 -25.81 -13.87 -11.53
N LYS A 268 -24.78 -13.33 -10.89
CA LYS A 268 -24.98 -12.25 -9.94
C LYS A 268 -25.29 -10.95 -10.66
N PRO A 269 -26.17 -10.13 -10.11
CA PRO A 269 -26.41 -8.80 -10.69
C PRO A 269 -25.28 -7.85 -10.32
N LEU A 270 -25.23 -6.73 -11.05
CA LEU A 270 -24.29 -5.69 -10.65
C LEU A 270 -24.78 -5.03 -9.36
N THR A 271 -23.85 -4.40 -8.66
CA THR A 271 -24.14 -3.70 -7.42
C THR A 271 -24.21 -2.21 -7.71
N ARG A 272 -24.28 -1.40 -6.66
CA ARG A 272 -24.50 0.02 -6.86
C ARG A 272 -23.19 0.72 -7.17
N LEU A 273 -23.32 1.89 -7.81
CA LEU A 273 -22.19 2.69 -8.23
C LEU A 273 -22.42 4.14 -7.83
N HIS A 274 -21.41 4.75 -7.22
CA HIS A 274 -21.25 6.19 -7.13
C HIS A 274 -19.98 6.54 -7.88
N VAL A 275 -20.07 7.44 -8.85
CA VAL A 275 -18.89 7.79 -9.66
C VAL A 275 -18.77 9.32 -9.70
N THR A 276 -17.56 9.81 -9.50
CA THR A 276 -17.36 11.25 -9.39
C THR A 276 -15.99 11.62 -9.90
N TYR A 277 -15.89 12.81 -10.50
CA TYR A 277 -14.60 13.29 -10.97
C TYR A 277 -13.90 14.18 -9.95
N GLU A 278 -14.51 14.43 -8.80
CA GLU A 278 -13.89 15.16 -7.71
C GLU A 278 -13.60 14.21 -6.55
N GLY A 279 -12.67 14.63 -5.71
CA GLY A 279 -12.34 13.87 -4.52
C GLY A 279 -11.26 12.83 -4.74
N THR A 280 -10.86 12.21 -3.62
CA THR A 280 -9.83 11.18 -3.63
C THR A 280 -10.27 10.00 -2.80
N ILE A 281 -9.64 8.86 -3.08
CA ILE A 281 -9.89 7.63 -2.31
C ILE A 281 -9.67 7.87 -0.82
N GLU A 282 -8.55 8.50 -0.47
CA GLU A 282 -8.16 8.56 0.94
C GLU A 282 -8.99 9.57 1.73
N GLU A 283 -9.48 10.63 1.10
CA GLU A 283 -10.26 11.63 1.81
C GLU A 283 -11.75 11.38 1.74
N ASN A 284 -12.25 10.99 0.58
CA ASN A 284 -13.67 10.83 0.36
C ASN A 284 -14.13 9.39 0.42
N GLY A 285 -13.20 8.45 0.61
CA GLY A 285 -13.55 7.07 0.82
C GLY A 285 -13.30 6.60 2.24
N GLN A 286 -13.45 7.50 3.22
CA GLN A 286 -13.23 7.13 4.61
C GLN A 286 -14.13 5.96 4.99
N GLY A 287 -13.54 4.95 5.64
CA GLY A 287 -14.28 3.79 6.08
C GLY A 287 -14.62 2.79 4.99
N MET A 288 -14.19 3.04 3.76
CA MET A 288 -14.44 2.12 2.66
C MET A 288 -13.17 1.33 2.39
N LEU A 289 -13.32 0.25 1.65
CA LEU A 289 -12.16 -0.50 1.22
C LEU A 289 -11.42 0.32 0.18
N GLN A 290 -10.26 0.84 0.55
CA GLN A 290 -9.53 1.77 -0.30
C GLN A 290 -8.48 1.01 -1.12
N VAL A 291 -8.55 1.18 -2.43
CA VAL A 291 -7.63 0.47 -3.31
C VAL A 291 -6.32 1.23 -3.42
N ASP A 292 -5.22 0.51 -3.25
CA ASP A 292 -3.87 0.96 -3.59
C ASP A 292 -3.54 0.34 -4.95
N PHE A 293 -3.27 1.19 -5.94
CA PHE A 293 -2.90 0.75 -7.28
C PHE A 293 -1.44 0.30 -7.21
N ALA A 294 -1.25 -0.94 -6.79
CA ALA A 294 0.04 -1.38 -6.28
C ALA A 294 0.96 -1.87 -7.39
N ASN A 295 2.26 -1.86 -7.09
CA ASN A 295 3.20 -2.70 -7.81
C ASN A 295 3.20 -4.08 -7.16
N ARG A 296 3.54 -5.10 -7.94
CA ARG A 296 3.62 -6.44 -7.38
C ARG A 296 4.62 -6.49 -6.22
N PHE A 297 5.66 -5.67 -6.26
CA PHE A 297 6.48 -5.39 -5.08
C PHE A 297 5.78 -4.25 -4.35
N VAL A 298 5.10 -4.56 -3.24
CA VAL A 298 4.20 -3.59 -2.64
C VAL A 298 4.95 -2.32 -2.28
N GLY A 299 4.31 -1.18 -2.53
CA GLY A 299 4.90 0.11 -2.30
C GLY A 299 5.66 0.67 -3.49
N GLY A 300 5.94 -0.15 -4.49
CA GLY A 300 6.55 0.38 -5.71
C GLY A 300 7.87 1.04 -5.42
N GLY A 301 8.03 2.25 -5.94
CA GLY A 301 9.27 2.98 -5.78
C GLY A 301 9.22 3.96 -4.63
N VAL A 302 8.47 3.63 -3.58
CA VAL A 302 8.30 4.61 -2.51
C VAL A 302 9.66 4.97 -1.90
N THR A 303 10.53 3.97 -1.69
CA THR A 303 11.85 4.15 -1.10
C THR A 303 12.90 4.55 -2.14
N SER A 304 12.48 4.81 -3.38
CA SER A 304 13.40 5.20 -4.45
C SER A 304 12.79 6.38 -5.21
N ALA A 305 12.47 6.23 -6.49
CA ALA A 305 12.09 7.38 -7.31
C ALA A 305 10.59 7.52 -7.58
N GLY A 306 9.77 6.53 -7.23
CA GLY A 306 8.36 6.58 -7.60
C GLY A 306 7.55 7.56 -6.77
N LEU A 307 6.55 8.17 -7.41
CA LEU A 307 5.73 9.17 -6.72
C LEU A 307 4.37 9.35 -7.39
N VAL A 308 3.69 8.24 -7.67
CA VAL A 308 2.29 8.28 -8.08
C VAL A 308 1.42 7.63 -7.01
N GLN A 309 0.25 7.13 -7.37
CA GLN A 309 -0.79 6.89 -6.37
C GLN A 309 -0.30 6.02 -5.22
N GLU A 310 0.31 4.88 -5.52
CA GLU A 310 0.73 3.99 -4.45
C GLU A 310 1.78 4.66 -3.56
N GLU A 311 2.80 5.24 -4.19
CA GLU A 311 3.90 5.79 -3.41
C GLU A 311 3.41 6.94 -2.54
N ILE A 312 2.51 7.77 -3.06
CA ILE A 312 1.96 8.87 -2.27
C ILE A 312 1.25 8.34 -1.04
N ARG A 313 0.43 7.30 -1.20
CA ARG A 313 -0.29 6.78 -0.06
C ARG A 313 0.67 6.21 0.97
N PHE A 314 1.74 5.56 0.50
CA PHE A 314 2.75 5.01 1.40
C PHE A 314 3.52 6.11 2.11
N LEU A 315 3.60 7.31 1.54
CA LEU A 315 4.30 8.40 2.20
C LEU A 315 3.41 9.11 3.22
N ILE A 316 2.13 9.30 2.91
CA ILE A 316 1.26 10.00 3.85
C ILE A 316 0.79 9.08 4.95
N ASN A 317 0.80 7.76 4.74
CA ASN A 317 0.50 6.76 5.75
C ASN A 317 1.73 5.85 5.83
N PRO A 318 2.84 6.32 6.42
CA PRO A 318 4.10 5.57 6.31
C PRO A 318 4.10 4.20 6.95
N GLU A 319 3.17 3.90 7.86
CA GLU A 319 3.12 2.54 8.39
C GLU A 319 2.93 1.53 7.28
N LEU A 320 2.36 1.94 6.15
CA LEU A 320 2.27 1.04 5.01
C LEU A 320 3.64 0.55 4.54
N ILE A 321 4.67 1.40 4.67
CA ILE A 321 5.98 1.08 4.14
C ILE A 321 6.53 -0.19 4.76
N ILE A 322 6.20 -0.45 6.03
CA ILE A 322 6.78 -1.61 6.70
C ILE A 322 6.30 -2.91 6.05
N SER A 323 5.21 -2.89 5.28
CA SER A 323 4.83 -4.09 4.55
C SER A 323 5.99 -4.59 3.69
N ARG A 324 6.87 -3.69 3.25
CA ARG A 324 7.99 -4.09 2.40
C ARG A 324 9.02 -4.90 3.15
N LEU A 325 9.01 -4.81 4.48
CA LEU A 325 9.95 -5.60 5.27
C LEU A 325 9.63 -7.08 5.14
N PHE A 326 8.35 -7.44 5.04
CA PHE A 326 7.98 -8.84 5.18
C PHE A 326 7.05 -9.38 4.10
N THR A 327 6.71 -8.62 3.06
CA THR A 327 5.74 -9.06 2.06
C THR A 327 6.41 -9.44 0.75
N GLU A 328 6.40 -10.73 0.44
CA GLU A 328 6.97 -11.21 -0.81
C GLU A 328 6.14 -10.66 -1.97
N VAL A 329 6.80 -10.55 -3.12
CA VAL A 329 6.12 -10.07 -4.33
C VAL A 329 4.83 -10.83 -4.52
N LEU A 330 3.79 -10.11 -4.93
CA LEU A 330 2.47 -10.71 -5.06
C LEU A 330 2.38 -11.54 -6.34
N ASP A 331 1.86 -12.76 -6.22
CA ASP A 331 1.52 -13.56 -7.38
C ASP A 331 0.15 -13.13 -7.89
N HIS A 332 -0.27 -13.72 -9.02
CA HIS A 332 -1.45 -13.22 -9.70
C HIS A 332 -2.71 -13.38 -8.86
N ASN A 333 -2.74 -14.37 -7.96
CA ASN A 333 -3.93 -14.66 -7.19
C ASN A 333 -3.90 -14.08 -5.78
N GLU A 334 -3.04 -13.10 -5.52
CA GLU A 334 -2.81 -12.62 -4.17
C GLU A 334 -2.98 -11.12 -4.02
N CYS A 335 -3.27 -10.71 -2.79
CA CYS A 335 -3.30 -9.30 -2.44
C CYS A 335 -2.77 -9.14 -1.03
N LEU A 336 -2.56 -7.89 -0.63
CA LEU A 336 -2.21 -7.54 0.73
C LEU A 336 -3.24 -6.55 1.26
N ILE A 337 -3.78 -6.85 2.44
CA ILE A 337 -4.82 -6.03 3.08
C ILE A 337 -4.22 -5.47 4.36
N ILE A 338 -4.24 -4.15 4.50
N ILE A 338 -4.24 -4.15 4.48
CA ILE A 338 -3.64 -3.48 5.64
CA ILE A 338 -3.65 -3.45 5.62
C ILE A 338 -4.69 -2.63 6.32
C ILE A 338 -4.75 -2.66 6.32
N THR A 339 -4.96 -2.92 7.60
CA THR A 339 -5.99 -2.26 8.39
C THR A 339 -5.34 -1.55 9.56
N GLY A 340 -5.64 -0.24 9.69
CA GLY A 340 -5.20 0.53 10.83
C GLY A 340 -4.14 1.58 10.57
N THR A 341 -3.65 1.73 9.35
CA THR A 341 -2.64 2.75 9.15
C THR A 341 -3.25 4.15 9.33
N GLU A 342 -2.41 5.05 9.83
CA GLU A 342 -2.78 6.40 10.18
C GLU A 342 -2.21 7.38 9.17
N GLN A 343 -2.98 8.41 8.86
CA GLN A 343 -2.53 9.47 7.96
C GLN A 343 -1.81 10.54 8.78
N TYR A 344 -0.56 10.81 8.42
CA TYR A 344 0.25 11.81 9.12
C TYR A 344 0.50 13.08 8.34
N SER A 345 0.28 13.08 7.01
CA SER A 345 0.56 14.24 6.20
C SER A 345 -0.57 14.49 5.22
N GLU A 346 -0.66 15.73 4.76
CA GLU A 346 -1.46 16.14 3.63
C GLU A 346 -0.51 16.58 2.52
N TYR A 347 -1.00 16.51 1.29
CA TYR A 347 -0.17 16.75 0.12
C TYR A 347 -1.02 17.37 -0.97
N THR A 348 -0.35 17.88 -2.00
CA THR A 348 -0.97 18.25 -3.26
C THR A 348 -0.14 17.66 -4.40
N GLY A 349 -0.76 17.48 -5.57
CA GLY A 349 -0.05 17.03 -6.75
C GLY A 349 0.39 15.56 -6.77
N TYR A 350 1.20 15.24 -7.78
CA TYR A 350 1.82 13.93 -7.92
C TYR A 350 3.03 14.06 -8.85
N ALA A 351 3.91 13.06 -8.79
CA ALA A 351 5.14 13.07 -9.58
C ALA A 351 5.83 14.42 -9.44
N GLU A 352 6.04 15.12 -10.54
CA GLU A 352 6.81 16.36 -10.49
C GLU A 352 6.09 17.48 -9.75
N THR A 353 4.77 17.38 -9.58
CA THR A 353 4.04 18.41 -8.83
C THR A 353 3.76 18.03 -7.38
N TYR A 354 4.19 16.84 -6.94
CA TYR A 354 3.91 16.44 -5.57
C TYR A 354 4.57 17.40 -4.60
N ARG A 355 3.81 17.84 -3.60
CA ARG A 355 4.36 18.68 -2.54
C ARG A 355 3.75 18.25 -1.22
N TRP A 356 4.60 18.10 -0.21
CA TRP A 356 4.13 17.99 1.17
C TRP A 356 3.47 19.29 1.58
N SER A 357 2.25 19.21 2.09
CA SER A 357 1.49 20.39 2.47
C SER A 357 1.62 20.73 3.96
N ARG A 358 1.37 19.75 4.83
CA ARG A 358 1.27 20.04 6.25
C ARG A 358 1.07 18.72 6.97
N SER A 359 1.26 18.76 8.29
CA SER A 359 0.93 17.63 9.14
C SER A 359 -0.57 17.43 9.18
N HIS A 360 -0.99 16.17 9.30
CA HIS A 360 -2.40 15.81 9.37
C HIS A 360 -2.67 15.10 10.69
N GLU A 361 -3.72 15.54 11.39
CA GLU A 361 -4.18 14.86 12.60
C GLU A 361 -5.29 13.92 12.17
N ASP A 362 -5.01 12.61 12.22
CA ASP A 362 -5.98 11.62 11.78
C ASP A 362 -7.13 11.56 12.78
N GLY A 363 -8.35 11.76 12.29
CA GLY A 363 -9.55 11.73 13.12
C GLY A 363 -10.36 10.47 13.00
N SER A 364 -9.82 9.42 12.38
CA SER A 364 -10.54 8.16 12.21
C SER A 364 -10.79 7.51 13.56
N GLU A 365 -11.96 6.92 13.71
CA GLU A 365 -12.22 6.10 14.89
C GLU A 365 -11.33 4.87 14.85
N ARG A 366 -11.13 4.28 16.03
N ARG A 366 -11.15 4.25 16.02
CA ARG A 366 -10.44 3.00 16.14
CA ARG A 366 -10.42 3.01 16.16
C ARG A 366 -11.46 1.89 16.41
C ARG A 366 -11.38 1.88 16.51
N ASP A 367 -11.11 0.69 15.99
CA ASP A 367 -11.97 -0.48 16.18
C ASP A 367 -11.61 -1.12 17.52
N ASP A 368 -12.21 -2.27 17.81
CA ASP A 368 -12.02 -2.94 19.10
C ASP A 368 -10.65 -3.57 19.24
N TRP A 369 -9.85 -3.59 18.17
CA TRP A 369 -8.44 -3.95 18.25
C TRP A 369 -7.54 -2.72 18.24
N GLN A 370 -8.11 -1.54 18.50
CA GLN A 370 -7.37 -0.28 18.49
C GLN A 370 -6.70 0.01 17.15
N ARG A 371 -7.32 -0.43 16.06
CA ARG A 371 -6.85 -0.10 14.72
C ARG A 371 -7.69 1.03 14.15
N ARG A 372 -7.02 2.05 13.58
CA ARG A 372 -7.76 3.06 12.83
C ARG A 372 -8.68 2.36 11.84
N CYS A 373 -9.89 2.90 11.66
CA CYS A 373 -10.88 2.32 10.76
C CYS A 373 -10.59 2.73 9.32
N THR A 374 -9.43 2.26 8.86
CA THR A 374 -8.93 2.54 7.52
C THR A 374 -8.38 1.22 6.99
N GLU A 375 -8.99 0.72 5.91
CA GLU A 375 -8.61 -0.55 5.30
C GLU A 375 -8.16 -0.27 3.87
N ILE A 376 -6.93 -0.67 3.56
CA ILE A 376 -6.32 -0.46 2.25
C ILE A 376 -5.97 -1.83 1.69
N VAL A 377 -6.27 -2.04 0.42
CA VAL A 377 -5.89 -3.28 -0.25
C VAL A 377 -4.96 -2.98 -1.40
N ALA A 378 -3.80 -3.63 -1.40
CA ALA A 378 -2.83 -3.52 -2.48
C ALA A 378 -3.15 -4.60 -3.50
N ILE A 379 -3.59 -4.18 -4.69
CA ILE A 379 -3.75 -5.05 -5.84
C ILE A 379 -2.97 -4.45 -7.01
N ASP A 380 -2.12 -5.26 -7.62
CA ASP A 380 -1.27 -4.80 -8.70
C ASP A 380 -1.90 -5.13 -10.04
N ALA A 381 -2.10 -4.11 -10.87
CA ALA A 381 -2.53 -4.33 -12.23
C ALA A 381 -1.36 -4.78 -13.08
N LEU A 382 -1.67 -5.32 -14.26
CA LEU A 382 -0.64 -5.63 -15.23
C LEU A 382 -0.20 -4.36 -15.96
N HIS A 383 1.03 -4.38 -16.45
CA HIS A 383 1.53 -3.34 -17.34
C HIS A 383 1.33 -3.81 -18.77
N PHE A 384 0.87 -2.90 -19.63
CA PHE A 384 0.60 -3.21 -21.03
C PHE A 384 1.42 -2.28 -21.91
N ARG A 385 2.47 -2.83 -22.52
CA ARG A 385 3.22 -2.07 -23.51
C ARG A 385 2.42 -1.90 -24.79
N ARG A 386 1.58 -2.87 -25.14
CA ARG A 386 0.69 -2.79 -26.29
C ARG A 386 -0.75 -2.67 -25.79
N TYR A 387 -1.43 -1.61 -26.21
CA TYR A 387 -2.78 -1.32 -25.74
C TYR A 387 -3.71 -2.52 -25.87
N LEU A 388 -3.69 -3.19 -27.03
CA LEU A 388 -4.67 -4.23 -27.27
C LEU A 388 -4.41 -5.50 -26.46
N ASP A 389 -3.21 -5.65 -25.91
CA ASP A 389 -2.92 -6.85 -25.13
C ASP A 389 -3.86 -7.01 -23.96
N GLN A 390 -4.43 -5.93 -23.46
CA GLN A 390 -5.22 -6.06 -22.24
C GLN A 390 -6.60 -6.65 -22.48
N PHE A 391 -7.05 -6.70 -23.73
CA PHE A 391 -8.34 -7.29 -24.08
C PHE A 391 -8.25 -8.79 -24.33
N VAL A 392 -7.05 -9.35 -24.32
CA VAL A 392 -6.89 -10.81 -24.42
C VAL A 392 -7.63 -11.45 -23.24
N PRO A 393 -8.47 -12.47 -23.48
CA PRO A 393 -9.26 -13.03 -22.37
C PRO A 393 -8.44 -13.44 -21.15
N GLU A 394 -7.30 -14.09 -21.35
CA GLU A 394 -6.47 -14.47 -20.22
C GLU A 394 -6.07 -13.26 -19.38
N LYS A 395 -5.82 -12.11 -20.03
CA LYS A 395 -5.43 -10.92 -19.30
C LYS A 395 -6.62 -10.25 -18.61
N MET A 396 -7.79 -10.26 -19.26
CA MET A 396 -8.99 -9.74 -18.60
C MET A 396 -9.35 -10.59 -17.38
N ARG A 397 -9.30 -11.91 -17.52
N ARG A 397 -9.30 -11.91 -17.52
CA ARG A 397 -9.61 -12.77 -16.39
CA ARG A 397 -9.61 -12.77 -16.39
C ARG A 397 -8.60 -12.58 -15.26
C ARG A 397 -8.60 -12.58 -15.27
N ARG A 398 -7.32 -12.40 -15.62
CA ARG A 398 -6.31 -12.13 -14.61
C ARG A 398 -6.67 -10.89 -13.80
N GLU A 399 -7.06 -9.81 -14.47
CA GLU A 399 -7.37 -8.58 -13.75
C GLU A 399 -8.65 -8.74 -12.93
N LEU A 400 -9.65 -9.45 -13.46
CA LEU A 400 -10.87 -9.71 -12.70
C LEU A 400 -10.57 -10.50 -11.43
N ASN A 401 -9.73 -11.54 -11.56
CA ASN A 401 -9.43 -12.38 -10.41
C ASN A 401 -8.56 -11.66 -9.39
N LYS A 402 -7.67 -10.78 -9.84
CA LYS A 402 -6.88 -9.96 -8.92
C LYS A 402 -7.78 -9.03 -8.12
N ALA A 403 -8.68 -8.31 -8.80
CA ALA A 403 -9.58 -7.41 -8.09
C ALA A 403 -10.53 -8.20 -7.18
N TYR A 404 -11.01 -9.34 -7.65
CA TYR A 404 -11.90 -10.16 -6.84
C TYR A 404 -11.20 -10.61 -5.56
N CYS A 405 -9.97 -11.07 -5.68
CA CYS A 405 -9.22 -11.43 -4.48
C CYS A 405 -9.10 -10.24 -3.53
N GLY A 406 -8.84 -9.05 -4.07
CA GLY A 406 -8.72 -7.88 -3.23
C GLY A 406 -10.01 -7.48 -2.54
N PHE A 407 -11.14 -7.76 -3.17
CA PHE A 407 -12.43 -7.35 -2.63
C PHE A 407 -13.12 -8.42 -1.79
N LEU A 408 -12.81 -9.70 -1.99
CA LEU A 408 -13.58 -10.76 -1.34
C LEU A 408 -13.15 -10.93 0.11
N ARG A 409 -14.13 -11.04 1.00
CA ARG A 409 -13.88 -11.34 2.42
C ARG A 409 -14.67 -12.61 2.72
N PRO A 410 -14.04 -13.78 2.66
CA PRO A 410 -14.82 -15.04 2.60
C PRO A 410 -15.88 -15.21 3.68
N GLY A 411 -15.59 -14.88 4.93
CA GLY A 411 -16.54 -15.14 5.99
C GLY A 411 -17.34 -13.94 6.44
N VAL A 412 -17.93 -13.19 5.50
CA VAL A 412 -18.60 -11.94 5.83
C VAL A 412 -19.84 -11.76 4.96
N SER A 413 -20.97 -11.45 5.61
CA SER A 413 -22.19 -11.12 4.89
C SER A 413 -22.01 -9.80 4.14
N SER A 414 -22.68 -9.69 2.99
CA SER A 414 -22.56 -8.48 2.18
C SER A 414 -22.99 -7.24 2.95
N GLU A 415 -23.96 -7.38 3.86
CA GLU A 415 -24.42 -6.24 4.64
C GLU A 415 -23.32 -5.67 5.51
N ASN A 416 -22.28 -6.44 5.81
CA ASN A 416 -21.19 -6.00 6.66
C ASN A 416 -19.94 -5.61 5.87
N LEU A 417 -20.05 -5.51 4.55
CA LEU A 417 -18.94 -5.13 3.70
C LEU A 417 -19.10 -3.68 3.27
N SER A 418 -18.07 -2.87 3.51
CA SER A 418 -18.06 -1.51 3.02
C SER A 418 -17.99 -1.50 1.50
N ALA A 419 -18.37 -0.37 0.92
CA ALA A 419 -18.14 -0.16 -0.49
C ALA A 419 -16.64 -0.16 -0.79
N VAL A 420 -16.31 -0.44 -2.05
CA VAL A 420 -14.94 -0.34 -2.55
C VAL A 420 -14.73 1.07 -3.07
N ALA A 421 -13.68 1.72 -2.61
CA ALA A 421 -13.31 3.05 -3.09
C ALA A 421 -12.10 2.90 -3.99
N THR A 422 -12.28 3.19 -5.28
CA THR A 422 -11.23 2.93 -6.25
C THR A 422 -11.25 3.99 -7.35
N GLY A 423 -10.51 3.72 -8.41
CA GLY A 423 -10.42 4.62 -9.54
C GLY A 423 -9.73 3.93 -10.70
N ASN A 424 -8.98 4.69 -11.52
CA ASN A 424 -8.42 4.19 -12.78
C ASN A 424 -7.18 3.33 -12.54
N TRP A 425 -7.42 2.18 -11.93
CA TRP A 425 -6.38 1.22 -11.59
C TRP A 425 -5.58 0.74 -12.79
N GLY A 426 -4.27 0.95 -12.73
CA GLY A 426 -3.40 0.49 -13.80
C GLY A 426 -3.45 1.31 -15.07
N CYS A 427 -4.03 2.50 -15.05
CA CYS A 427 -4.22 3.27 -16.27
C CYS A 427 -3.14 4.35 -16.38
N GLY A 428 -3.43 5.41 -17.12
CA GLY A 428 -2.41 6.41 -17.37
C GLY A 428 -1.19 5.78 -18.02
N ALA A 429 -0.03 5.97 -17.38
CA ALA A 429 1.23 5.55 -17.99
C ALA A 429 1.41 4.04 -18.01
N PHE A 430 0.67 3.29 -17.19
CA PHE A 430 0.82 1.84 -17.12
C PHE A 430 0.11 1.11 -18.27
N GLY A 431 -0.62 1.83 -19.11
CA GLY A 431 -1.18 1.27 -20.31
C GLY A 431 -2.60 0.78 -20.22
N GLY A 432 -3.18 0.72 -19.02
CA GLY A 432 -4.54 0.24 -18.89
C GLY A 432 -5.54 1.20 -19.48
N ASP A 433 -6.61 0.63 -20.03
CA ASP A 433 -7.74 1.39 -20.54
C ASP A 433 -8.73 1.64 -19.41
N ALA A 434 -9.02 2.91 -19.12
CA ALA A 434 -9.82 3.23 -17.94
C ALA A 434 -11.23 2.65 -18.05
N ARG A 435 -11.81 2.67 -19.24
CA ARG A 435 -13.19 2.18 -19.36
C ARG A 435 -13.27 0.67 -19.18
N LEU A 436 -12.29 -0.07 -19.70
CA LEU A 436 -12.22 -1.49 -19.42
C LEU A 436 -11.96 -1.75 -17.95
N LYS A 437 -10.97 -1.08 -17.37
CA LYS A 437 -10.62 -1.34 -15.97
C LYS A 437 -11.77 -0.96 -15.04
N ALA A 438 -12.56 0.05 -15.38
CA ALA A 438 -13.71 0.38 -14.54
C ALA A 438 -14.73 -0.76 -14.56
N LEU A 439 -15.02 -1.29 -15.75
CA LEU A 439 -15.97 -2.39 -15.86
C LEU A 439 -15.45 -3.63 -15.17
N ILE A 440 -14.14 -3.90 -15.31
CA ILE A 440 -13.55 -5.05 -14.62
C ILE A 440 -13.74 -4.94 -13.11
N GLN A 441 -13.47 -3.76 -12.55
CA GLN A 441 -13.64 -3.61 -11.12
C GLN A 441 -15.11 -3.67 -10.72
N ILE A 442 -16.00 -3.15 -11.57
CA ILE A 442 -17.43 -3.25 -11.29
C ILE A 442 -17.87 -4.71 -11.26
N LEU A 443 -17.35 -5.53 -12.17
CA LEU A 443 -17.71 -6.94 -12.18
C LEU A 443 -17.14 -7.68 -10.97
N ALA A 444 -15.87 -7.43 -10.64
CA ALA A 444 -15.28 -8.10 -9.48
C ALA A 444 -15.99 -7.70 -8.20
N ALA A 445 -16.34 -6.42 -8.07
CA ALA A 445 -17.07 -5.97 -6.89
C ALA A 445 -18.44 -6.63 -6.81
N ALA A 446 -19.13 -6.75 -7.94
CA ALA A 446 -20.43 -7.42 -7.95
C ALA A 446 -20.29 -8.86 -7.48
N ALA A 447 -19.27 -9.57 -7.96
CA ALA A 447 -19.07 -10.95 -7.56
C ALA A 447 -18.74 -11.06 -6.07
N ALA A 448 -18.05 -10.06 -5.52
CA ALA A 448 -17.76 -10.01 -4.09
C ALA A 448 -18.86 -9.34 -3.28
N GLU A 449 -19.98 -8.97 -3.91
CA GLU A 449 -21.16 -8.44 -3.23
C GLU A 449 -20.88 -7.11 -2.54
N ARG A 450 -20.05 -6.28 -3.18
N ARG A 450 -20.10 -6.25 -3.19
CA ARG A 450 -19.74 -4.95 -2.69
CA ARG A 450 -19.77 -4.94 -2.66
C ARG A 450 -20.22 -3.90 -3.69
C ARG A 450 -20.14 -3.87 -3.68
N ASP A 451 -20.59 -2.73 -3.17
CA ASP A 451 -20.86 -1.56 -4.00
C ASP A 451 -19.53 -0.88 -4.34
N VAL A 452 -19.58 0.02 -5.33
CA VAL A 452 -18.39 0.65 -5.88
C VAL A 452 -18.51 2.17 -5.79
N VAL A 453 -17.46 2.80 -5.25
CA VAL A 453 -17.32 4.25 -5.26
C VAL A 453 -16.09 4.54 -6.11
N TYR A 454 -16.29 5.19 -7.25
CA TYR A 454 -15.27 5.30 -8.29
C TYR A 454 -14.89 6.75 -8.47
N PHE A 455 -13.61 7.05 -8.28
CA PHE A 455 -13.07 8.40 -8.42
C PHE A 455 -12.30 8.51 -9.74
N THR A 456 -12.76 9.37 -10.64
CA THR A 456 -12.10 9.47 -11.93
C THR A 456 -11.00 10.53 -11.97
N PHE A 457 -10.74 11.21 -10.86
CA PHE A 457 -9.53 12.01 -10.70
C PHE A 457 -9.47 13.11 -11.75
N GLY A 458 -10.57 13.86 -11.89
CA GLY A 458 -10.63 15.02 -12.76
C GLY A 458 -11.28 14.81 -14.10
N ASP A 459 -11.52 13.56 -14.50
CA ASP A 459 -12.02 13.25 -15.83
C ASP A 459 -13.53 13.18 -15.79
N SER A 460 -14.20 14.27 -16.17
CA SER A 460 -15.65 14.31 -16.07
C SER A 460 -16.31 13.49 -17.16
N GLU A 461 -15.71 13.42 -18.36
CA GLU A 461 -16.27 12.59 -19.41
C GLU A 461 -16.25 11.12 -19.02
N LEU A 462 -15.15 10.67 -18.42
CA LEU A 462 -15.09 9.29 -17.96
C LEU A 462 -16.15 9.01 -16.92
N MET A 463 -16.36 9.94 -15.99
CA MET A 463 -17.42 9.77 -15.01
C MET A 463 -18.76 9.50 -15.69
N ARG A 464 -19.11 10.36 -16.66
CA ARG A 464 -20.38 10.20 -17.34
C ARG A 464 -20.43 8.88 -18.11
N ASP A 465 -19.32 8.47 -18.71
CA ASP A 465 -19.33 7.25 -19.51
C ASP A 465 -19.52 6.02 -18.64
N ILE A 466 -18.83 5.96 -17.49
CA ILE A 466 -18.97 4.84 -16.58
C ILE A 466 -20.39 4.79 -16.03
N TYR A 467 -20.90 5.93 -15.59
CA TYR A 467 -22.28 5.97 -15.09
C TYR A 467 -23.25 5.47 -16.14
N SER A 468 -23.11 5.98 -17.36
CA SER A 468 -24.07 5.64 -18.42
C SER A 468 -24.04 4.15 -18.71
N MET A 469 -22.84 3.56 -18.73
CA MET A 469 -22.74 2.13 -18.99
C MET A 469 -23.32 1.34 -17.83
N HIS A 470 -23.01 1.73 -16.60
CA HIS A 470 -23.53 1.03 -15.45
C HIS A 470 -25.05 1.04 -15.42
N ILE A 471 -25.66 2.20 -15.68
CA ILE A 471 -27.13 2.28 -15.67
C ILE A 471 -27.71 1.47 -16.81
N PHE A 472 -27.06 1.49 -17.99
CA PHE A 472 -27.53 0.71 -19.13
C PHE A 472 -27.56 -0.77 -18.78
N LEU A 473 -26.49 -1.27 -18.17
CA LEU A 473 -26.41 -2.70 -17.88
C LEU A 473 -27.37 -3.10 -16.76
N THR A 474 -27.48 -2.26 -15.72
CA THR A 474 -28.35 -2.62 -14.60
C THR A 474 -29.81 -2.57 -15.00
N GLU A 475 -30.21 -1.57 -15.80
CA GLU A 475 -31.61 -1.45 -16.19
C GLU A 475 -32.05 -2.64 -17.04
N ARG A 476 -31.11 -3.23 -17.77
CA ARG A 476 -31.38 -4.41 -18.60
C ARG A 476 -31.13 -5.71 -17.86
N LYS A 477 -30.78 -5.64 -16.57
CA LYS A 477 -30.63 -6.81 -15.72
C LYS A 477 -29.53 -7.75 -16.21
N LEU A 478 -28.52 -7.21 -16.88
CA LEU A 478 -27.40 -8.04 -17.27
C LEU A 478 -26.61 -8.50 -16.04
N THR A 479 -26.26 -9.79 -16.04
CA THR A 479 -25.48 -10.37 -14.95
C THR A 479 -23.99 -10.15 -15.20
N VAL A 480 -23.19 -10.47 -14.17
CA VAL A 480 -21.74 -10.47 -14.32
C VAL A 480 -21.32 -11.30 -15.52
N GLY A 481 -21.91 -12.49 -15.66
CA GLY A 481 -21.55 -13.36 -16.78
C GLY A 481 -21.97 -12.81 -18.13
N ASP A 482 -23.15 -12.19 -18.19
CA ASP A 482 -23.57 -11.55 -19.44
C ASP A 482 -22.55 -10.50 -19.87
N VAL A 483 -22.07 -9.69 -18.92
CA VAL A 483 -21.12 -8.63 -19.27
C VAL A 483 -19.77 -9.22 -19.67
N TYR A 484 -19.29 -10.20 -18.91
CA TYR A 484 -18.02 -10.84 -19.26
C TYR A 484 -18.07 -11.41 -20.67
N LYS A 485 -19.19 -12.03 -21.04
CA LYS A 485 -19.29 -12.59 -22.39
C LYS A 485 -19.21 -11.50 -23.45
N LEU A 486 -19.74 -10.31 -23.14
CA LEU A 486 -19.60 -9.18 -24.07
C LEU A 486 -18.14 -8.75 -24.20
N LEU A 487 -17.39 -8.77 -23.09
CA LEU A 487 -15.96 -8.47 -23.18
C LEU A 487 -15.27 -9.46 -24.11
N LEU A 488 -15.63 -10.73 -23.99
CA LEU A 488 -15.02 -11.75 -24.84
C LEU A 488 -15.38 -11.54 -26.29
N ARG A 489 -16.63 -11.13 -26.56
CA ARG A 489 -17.03 -10.81 -27.92
C ARG A 489 -16.25 -9.63 -28.46
N TYR A 490 -16.06 -8.59 -27.64
CA TYR A 490 -15.30 -7.44 -28.10
C TYR A 490 -13.89 -7.85 -28.51
N TYR A 491 -13.25 -8.68 -27.70
CA TYR A 491 -11.91 -9.14 -28.05
C TYR A 491 -11.91 -9.83 -29.42
N ASN A 492 -12.83 -10.77 -29.61
N ASN A 492 -12.81 -10.79 -29.61
CA ASN A 492 -12.82 -11.53 -30.85
CA ASN A 492 -12.80 -11.54 -30.85
C ASN A 492 -13.15 -10.65 -32.04
C ASN A 492 -13.14 -10.65 -32.05
N GLU A 493 -14.10 -9.73 -31.87
CA GLU A 493 -14.60 -8.98 -33.03
C GLU A 493 -13.72 -7.78 -33.39
N GLU A 494 -13.09 -7.16 -32.40
CA GLU A 494 -12.39 -5.89 -32.61
C GLU A 494 -10.91 -5.90 -32.27
N CYS A 495 -10.41 -6.94 -31.59
CA CYS A 495 -9.04 -6.94 -31.10
C CYS A 495 -8.19 -8.06 -31.66
N ARG A 496 -8.68 -9.30 -31.66
CA ARG A 496 -7.82 -10.44 -31.96
C ARG A 496 -7.21 -10.34 -33.35
N ASN A 497 -8.00 -9.91 -34.35
CA ASN A 497 -7.55 -9.81 -35.72
C ASN A 497 -7.25 -8.37 -36.13
N CYS A 498 -7.16 -7.46 -35.17
CA CYS A 498 -6.88 -6.06 -35.47
C CYS A 498 -5.41 -5.88 -35.81
N THR A 500 -4.13 -2.61 -36.64
CA THR A 500 -3.83 -1.30 -36.09
C THR A 500 -3.55 -1.39 -34.59
N PRO A 501 -2.72 -0.50 -34.07
CA PRO A 501 -2.50 -0.49 -32.61
C PRO A 501 -3.78 -0.25 -31.82
N GLY A 502 -4.76 0.42 -32.41
CA GLY A 502 -6.02 0.67 -31.77
C GLY A 502 -7.16 -0.04 -32.48
N PRO A 503 -8.20 -0.41 -31.74
CA PRO A 503 -9.35 -1.06 -32.37
C PRO A 503 -10.20 -0.08 -33.17
N ASP A 504 -10.96 -0.63 -34.11
CA ASP A 504 -11.81 0.20 -34.95
C ASP A 504 -12.94 0.83 -34.16
N ILE A 505 -13.51 0.09 -33.21
CA ILE A 505 -14.63 0.53 -32.39
C ILE A 505 -14.21 0.39 -30.93
N LYS A 506 -14.60 1.35 -30.10
CA LYS A 506 -14.26 1.32 -28.69
C LYS A 506 -15.19 0.38 -27.92
N LEU A 507 -14.75 0.01 -26.72
CA LEU A 507 -15.44 -1.02 -25.94
C LEU A 507 -16.88 -0.63 -25.62
N TYR A 508 -17.09 0.53 -25.01
CA TYR A 508 -18.45 0.85 -24.58
C TYR A 508 -19.39 0.98 -25.78
N PRO A 509 -19.05 1.70 -26.86
CA PRO A 509 -19.91 1.68 -28.06
C PRO A 509 -20.20 0.28 -28.56
N PHE A 510 -19.20 -0.61 -28.53
CA PHE A 510 -19.44 -1.99 -28.94
C PHE A 510 -20.50 -2.63 -28.05
N ILE A 511 -20.37 -2.46 -26.74
CA ILE A 511 -21.32 -3.08 -25.81
C ILE A 511 -22.73 -2.57 -26.07
N TYR A 512 -22.89 -1.24 -26.17
CA TYR A 512 -24.23 -0.68 -26.39
C TYR A 512 -24.85 -1.27 -27.64
N HIS A 513 -24.07 -1.37 -28.72
CA HIS A 513 -24.61 -1.87 -29.98
C HIS A 513 -24.93 -3.36 -29.88
N ALA A 514 -24.07 -4.12 -29.22
CA ALA A 514 -24.30 -5.55 -29.12
C ALA A 514 -25.57 -5.84 -28.34
N VAL A 515 -25.79 -5.13 -27.24
CA VAL A 515 -26.94 -5.39 -26.40
C VAL A 515 -28.22 -4.93 -27.08
N GLU A 516 -28.21 -3.72 -27.64
CA GLU A 516 -29.42 -3.19 -28.27
C GLU A 516 -29.79 -3.93 -29.55
N SER A 517 -28.89 -4.73 -30.12
CA SER A 517 -29.19 -5.46 -31.33
C SER A 517 -29.59 -6.90 -31.00
#